data_7F4Q
#
_entry.id   7F4Q
#
_cell.length_a   136.789
_cell.length_b   136.789
_cell.length_c   60.902
_cell.angle_alpha   90.000
_cell.angle_beta   90.000
_cell.angle_gamma   120.000
#
_symmetry.space_group_name_H-M   'P 32 2 1'
#
loop_
_entity.id
_entity.type
_entity.pdbx_description
1 polymer 'Transmembrane protein, putative'
2 polymer 'MT-a70 family protein'
3 non-polymer S-ADENOSYL-L-HOMOCYSTEINE
4 water water
#
loop_
_entity_poly.entity_id
_entity_poly.type
_entity_poly.pdbx_seq_one_letter_code
_entity_poly.pdbx_strand_id
1 'polypeptide(L)'
;MKKNGKSQNQPLDFTQYAKNMRKDLSNQDICLEDGALNHSYFLTKKGQYWTPLNQKALQRGIELFGVGNWKEINYDEFSG
KANIVELELRTCMILGINDITEYYGKKISEEEQEEIKKSNIAKGKKENKLKDNIYQKLQQMQ
;
B
2 'polypeptide(L)'
;DDYLDRLPKSKKGLQGLLQDIEKRILHYKQLFFKEQNEIANGKRSMVPDNSIPICSDVTKLNFQALIDAQMRHAGKMFDV
IMMDPPWQLSSSQPSRGVAIAYDSLSDEKIQNMPIQSLQQDGFIFVWAINAKYRVTIKMIENWGYKLVDEITWVKKTVNG
KIAKGHGFYLQHAKESCLIGVKGDVDNGRFKKNIASDVIFSERRGQSQKPEEIYQYINQLCPNGNYLEIFARRNNLHDNW
VSIGNEL
;
A
#
# COMPACT_ATOMS: atom_id res chain seq x y z
N PRO A 11 -25.09 3.57 11.08
CA PRO A 11 -24.96 3.75 12.52
C PRO A 11 -23.70 3.05 13.01
N LEU A 12 -22.71 2.96 12.13
CA LEU A 12 -21.33 2.75 12.57
C LEU A 12 -20.45 3.83 11.99
N ASP A 13 -19.52 4.32 12.78
CA ASP A 13 -18.57 5.28 12.25
C ASP A 13 -17.37 4.49 11.79
N PHE A 14 -17.26 4.31 10.48
CA PHE A 14 -16.17 3.52 9.92
C PHE A 14 -14.84 4.19 10.22
N THR A 15 -14.83 5.51 10.16
CA THR A 15 -13.61 6.29 10.29
C THR A 15 -12.96 6.08 11.63
N GLN A 16 -13.75 6.08 12.68
CA GLN A 16 -13.23 5.77 14.01
C GLN A 16 -12.76 4.33 14.10
N TYR A 17 -13.53 3.43 13.46
CA TYR A 17 -13.25 2.01 13.51
C TYR A 17 -11.90 1.79 12.91
N ALA A 18 -11.61 2.56 11.87
CA ALA A 18 -10.35 2.43 11.17
C ALA A 18 -9.20 2.72 12.12
N LYS A 19 -9.36 3.69 13.01
CA LYS A 19 -8.21 4.13 13.77
C LYS A 19 -7.73 3.04 14.71
N ASN A 20 -8.61 2.56 15.59
CA ASN A 20 -8.15 1.69 16.66
C ASN A 20 -7.54 0.41 16.10
N MET A 21 -7.99 0.04 14.91
CA MET A 21 -7.54 -1.17 14.28
C MET A 21 -6.19 -0.85 13.78
N ARG A 22 -6.12 0.26 13.08
CA ARG A 22 -4.87 0.73 12.52
C ARG A 22 -3.82 0.88 13.60
N LYS A 23 -4.23 1.20 14.84
CA LYS A 23 -3.27 1.33 15.93
C LYS A 23 -2.63 0.00 16.28
N ASP A 24 -3.43 -1.01 16.65
CA ASP A 24 -2.88 -2.29 17.06
C ASP A 24 -2.53 -3.21 15.91
N LEU A 25 -3.03 -2.94 14.72
CA LEU A 25 -2.84 -3.84 13.60
C LEU A 25 -1.76 -3.40 12.63
N SER A 26 -1.70 -2.12 12.30
CA SER A 26 -0.85 -1.63 11.23
C SER A 26 0.51 -1.20 11.76
N ASN A 27 1.50 -1.34 10.89
CA ASN A 27 2.87 -1.11 11.25
C ASN A 27 3.02 0.36 11.59
N GLN A 28 4.05 0.66 12.36
CA GLN A 28 4.19 1.96 12.97
C GLN A 28 4.26 3.02 11.91
N ASP A 29 4.97 2.71 10.83
CA ASP A 29 5.10 3.65 9.73
C ASP A 29 3.77 3.98 9.06
N ILE A 30 2.90 2.99 8.95
CA ILE A 30 1.65 3.12 8.21
C ILE A 30 0.70 4.16 8.76
N CYS A 31 0.61 4.26 10.07
CA CYS A 31 -0.33 5.21 10.64
C CYS A 31 0.27 6.05 11.75
N LEU A 32 -0.32 7.21 11.95
CA LEU A 32 0.10 8.16 12.95
C LEU A 32 -0.36 7.77 14.36
N GLU A 33 0.24 8.40 15.37
CA GLU A 33 0.00 8.03 16.75
C GLU A 33 -1.46 8.19 17.11
N ASP A 34 -2.10 9.21 16.56
CA ASP A 34 -3.51 9.39 16.78
C ASP A 34 -4.25 8.19 16.24
N GLY A 35 -3.65 7.52 15.26
CA GLY A 35 -4.26 6.41 14.57
C GLY A 35 -4.75 6.72 13.17
N ALA A 36 -4.54 7.95 12.72
CA ALA A 36 -4.82 8.31 11.34
C ALA A 36 -3.78 7.64 10.47
N LEU A 37 -4.05 7.54 9.17
CA LEU A 37 -3.12 6.86 8.27
C LEU A 37 -2.27 7.86 7.54
N ASN A 38 -0.95 7.66 7.56
CA ASN A 38 -0.06 8.67 7.03
C ASN A 38 0.25 8.44 5.56
N HIS A 39 -0.27 9.34 4.74
CA HIS A 39 -0.08 9.26 3.29
C HIS A 39 1.37 9.31 2.84
N SER A 40 2.30 9.75 3.69
CA SER A 40 3.70 9.68 3.30
C SER A 40 4.10 8.26 2.93
N TYR A 41 3.74 7.30 3.79
CA TYR A 41 4.16 5.92 3.60
C TYR A 41 3.61 5.37 2.30
N PHE A 42 2.47 5.89 1.88
CA PHE A 42 1.76 5.27 0.78
C PHE A 42 2.07 5.89 -0.55
N LEU A 43 2.67 7.07 -0.55
CA LEU A 43 3.13 7.62 -1.82
C LEU A 43 4.47 7.02 -2.20
N THR A 44 5.35 6.82 -1.23
CA THR A 44 6.60 6.13 -1.48
C THR A 44 6.39 4.65 -1.73
N LYS A 45 7.27 4.06 -2.52
CA LYS A 45 7.25 2.65 -2.89
C LYS A 45 7.74 1.73 -1.79
N LYS A 46 7.48 0.43 -1.95
CA LYS A 46 8.07 -0.59 -1.09
C LYS A 46 7.68 -0.22 0.33
N GLY A 47 8.53 -0.21 1.35
CA GLY A 47 9.90 -0.71 1.46
C GLY A 47 11.00 0.31 1.19
N GLN A 48 10.63 1.47 0.66
CA GLN A 48 11.58 2.55 0.42
C GLN A 48 11.30 3.74 1.32
N TYR A 49 10.43 3.55 2.30
CA TYR A 49 9.98 4.64 3.15
C TYR A 49 11.12 5.20 3.95
N TRP A 50 11.10 6.52 4.12
CA TRP A 50 12.14 7.23 4.85
C TRP A 50 11.56 7.69 6.18
N THR A 51 11.92 7.01 7.26
CA THR A 51 11.25 7.29 8.51
C THR A 51 11.83 8.54 9.18
N PRO A 52 11.00 9.32 9.87
CA PRO A 52 11.54 10.39 10.71
C PRO A 52 12.79 9.97 11.42
N LEU A 53 12.74 8.81 12.04
CA LEU A 53 13.83 8.44 12.90
C LEU A 53 15.11 8.26 12.13
N ASN A 54 15.04 7.78 10.90
CA ASN A 54 16.31 7.65 10.22
C ASN A 54 16.69 8.92 9.48
N GLN A 55 15.74 9.85 9.35
CA GLN A 55 16.12 11.23 9.03
C GLN A 55 17.00 11.84 10.09
N LYS A 56 16.67 11.63 11.35
CA LYS A 56 17.52 12.18 12.39
C LYS A 56 18.88 11.59 12.16
N ALA A 57 18.92 10.37 11.67
CA ALA A 57 20.17 9.67 11.55
C ALA A 57 21.00 10.24 10.42
N LEU A 58 20.35 10.66 9.34
CA LEU A 58 21.12 11.35 8.32
C LEU A 58 21.76 12.59 8.88
N GLN A 59 20.93 13.45 9.49
CA GLN A 59 21.41 14.66 10.13
C GLN A 59 22.52 14.36 11.10
N ARG A 60 22.33 13.37 11.95
CA ARG A 60 23.42 12.97 12.81
C ARG A 60 24.63 12.54 12.03
N GLY A 61 24.45 11.94 10.86
CA GLY A 61 25.59 11.36 10.16
C GLY A 61 26.50 12.43 9.58
N ILE A 62 25.90 13.45 8.99
CA ILE A 62 26.60 14.63 8.52
C ILE A 62 27.44 15.28 9.61
N GLU A 63 26.90 15.39 10.81
CA GLU A 63 27.64 15.96 11.93
C GLU A 63 28.87 15.13 12.26
N LEU A 64 28.77 13.82 12.13
CA LEU A 64 29.92 12.99 12.49
C LEU A 64 30.90 12.83 11.35
N PHE A 65 30.40 12.51 10.16
CA PHE A 65 31.32 12.16 9.08
C PHE A 65 31.45 13.16 7.97
N GLY A 66 30.47 14.03 7.83
CA GLY A 66 30.54 15.09 6.86
C GLY A 66 29.84 14.74 5.58
N VAL A 67 29.51 15.75 4.83
CA VAL A 67 28.78 15.59 3.58
C VAL A 67 29.65 14.83 2.62
N GLY A 68 29.04 14.04 1.76
CA GLY A 68 29.77 13.29 0.77
C GLY A 68 30.67 12.25 1.39
N ASN A 69 30.27 11.81 2.57
CA ASN A 69 30.99 10.76 3.27
C ASN A 69 30.12 9.54 3.37
N TRP A 70 29.27 9.36 2.36
CA TRP A 70 28.15 8.46 2.43
C TRP A 70 28.58 7.05 2.72
N LYS A 71 29.65 6.61 2.10
CA LYS A 71 30.09 5.25 2.32
C LYS A 71 30.48 5.09 3.78
N GLU A 72 31.25 6.02 4.33
CA GLU A 72 31.56 6.00 5.76
C GLU A 72 30.30 6.25 6.61
N ILE A 73 29.49 7.21 6.20
CA ILE A 73 28.24 7.53 6.87
C ILE A 73 27.23 6.41 6.78
N ASN A 74 27.23 5.72 5.66
CA ASN A 74 26.23 4.70 5.45
C ASN A 74 26.34 3.56 6.45
N TYR A 75 27.54 3.08 6.74
CA TYR A 75 27.66 1.95 7.65
C TYR A 75 27.12 2.30 9.01
N ASP A 76 27.49 3.47 9.51
CA ASP A 76 27.14 3.86 10.87
C ASP A 76 25.67 4.05 11.14
N GLU A 77 24.95 4.73 10.26
CA GLU A 77 23.59 5.11 10.59
C GLU A 77 22.48 4.42 9.82
N PHE A 78 22.79 4.06 8.58
CA PHE A 78 21.99 3.14 7.80
C PHE A 78 22.92 2.00 7.44
N SER A 79 22.63 0.81 7.94
CA SER A 79 23.53 -0.30 7.72
C SER A 79 23.68 -0.83 6.29
N GLY A 80 22.58 -1.12 5.61
CA GLY A 80 22.67 -1.54 4.22
C GLY A 80 23.15 -0.32 3.46
N LYS A 81 22.49 0.80 3.73
CA LYS A 81 21.07 0.80 4.07
C LYS A 81 20.24 1.60 3.10
N ALA A 82 20.87 2.52 2.39
CA ALA A 82 20.11 3.45 1.57
C ALA A 82 20.78 3.72 0.24
N ASN A 83 19.99 4.12 -0.75
CA ASN A 83 20.53 4.44 -2.06
C ASN A 83 21.48 5.58 -1.80
N ILE A 84 22.65 5.54 -2.40
CA ILE A 84 23.64 6.57 -2.14
C ILE A 84 23.01 7.86 -2.58
N VAL A 85 22.22 7.80 -3.64
CA VAL A 85 21.51 8.95 -4.14
C VAL A 85 20.52 9.52 -3.16
N GLU A 86 19.79 8.67 -2.45
CA GLU A 86 18.72 9.17 -1.61
C GLU A 86 19.32 10.09 -0.57
N LEU A 87 20.44 9.67 -0.03
CA LEU A 87 21.21 10.49 0.91
C LEU A 87 21.53 11.83 0.30
N GLU A 88 22.28 11.87 -0.77
CA GLU A 88 22.73 13.14 -1.27
C GLU A 88 21.54 14.02 -1.58
N LEU A 89 20.48 13.44 -2.12
CA LEU A 89 19.29 14.22 -2.41
C LEU A 89 18.69 14.80 -1.14
N ARG A 90 18.63 14.00 -0.10
CA ARG A 90 18.10 14.44 1.19
C ARG A 90 18.94 15.49 1.87
N THR A 91 20.25 15.37 1.75
CA THR A 91 21.20 16.36 2.23
C THR A 91 21.03 17.70 1.53
N CYS A 92 20.72 17.66 0.25
CA CYS A 92 20.50 18.89 -0.50
C CYS A 92 19.36 19.60 0.17
N MET A 93 18.37 18.84 0.63
CA MET A 93 17.25 19.36 1.39
C MET A 93 17.61 19.92 2.76
N ILE A 94 18.51 19.28 3.47
CA ILE A 94 18.89 19.72 4.79
C ILE A 94 19.53 21.09 4.72
N LEU A 95 20.35 21.30 3.70
CA LEU A 95 21.07 22.55 3.56
C LEU A 95 20.34 23.58 2.71
N GLY A 96 19.21 23.21 2.12
CA GLY A 96 18.37 24.16 1.46
C GLY A 96 18.89 24.65 0.14
N ILE A 97 19.90 23.97 -0.39
CA ILE A 97 20.41 24.29 -1.71
C ILE A 97 20.09 23.13 -2.64
N ASN A 98 20.25 23.31 -3.94
CA ASN A 98 20.14 22.20 -4.87
C ASN A 98 21.46 21.72 -5.45
N ASP A 99 22.53 22.46 -5.21
CA ASP A 99 23.86 22.02 -5.56
C ASP A 99 24.59 21.88 -4.24
N ILE A 100 24.94 20.67 -3.87
CA ILE A 100 25.49 20.40 -2.55
C ILE A 100 27.02 20.33 -2.62
N THR A 101 27.55 20.61 -3.80
CA THR A 101 28.94 20.41 -4.12
C THR A 101 29.82 21.28 -3.21
N GLU A 102 29.32 22.47 -2.93
CA GLU A 102 30.03 23.50 -2.18
C GLU A 102 30.39 23.06 -0.77
N TYR A 103 29.51 22.26 -0.16
CA TYR A 103 29.64 21.80 1.22
C TYR A 103 30.37 20.49 1.41
N TYR A 104 30.82 19.86 0.34
CA TYR A 104 31.32 18.49 0.41
C TYR A 104 32.53 18.32 1.30
N GLY A 105 32.55 17.23 2.05
CA GLY A 105 33.69 16.83 2.82
C GLY A 105 33.78 17.54 4.13
N LYS A 106 32.77 18.37 4.40
CA LYS A 106 32.71 19.20 5.58
C LYS A 106 31.73 18.59 6.51
N LYS A 107 32.10 18.36 7.76
CA LYS A 107 31.13 17.85 8.71
C LYS A 107 30.45 19.02 9.38
N ILE A 108 29.12 19.02 9.33
CA ILE A 108 28.32 20.13 9.77
C ILE A 108 27.40 19.74 10.90
N SER A 109 27.43 20.50 11.97
CA SER A 109 26.62 20.24 13.15
C SER A 109 25.18 20.50 12.83
N GLU A 110 24.30 19.89 13.61
CA GLU A 110 22.88 20.04 13.40
C GLU A 110 22.49 21.48 13.56
N GLU A 111 23.15 22.15 14.50
CA GLU A 111 22.95 23.55 14.75
C GLU A 111 23.26 24.34 13.51
N GLU A 112 24.26 23.91 12.77
CA GLU A 112 24.76 24.64 11.65
C GLU A 112 24.06 24.28 10.36
N GLN A 113 23.64 23.03 10.20
CA GLN A 113 22.78 22.68 9.10
C GLN A 113 21.53 23.51 9.12
N GLU A 114 21.02 23.80 10.30
CA GLU A 114 19.86 24.64 10.43
C GLU A 114 20.11 26.03 9.93
N GLU A 115 21.27 26.58 10.26
CA GLU A 115 21.65 27.90 9.79
C GLU A 115 21.88 27.98 8.30
N ILE A 116 22.57 26.99 7.75
CA ILE A 116 22.91 27.01 6.36
C ILE A 116 21.64 26.94 5.57
N LYS A 117 20.73 26.10 6.01
CA LYS A 117 19.45 25.98 5.37
C LYS A 117 18.69 27.28 5.51
N LYS A 118 18.72 27.87 6.70
CA LYS A 118 18.00 29.11 6.92
C LYS A 118 18.59 30.20 6.06
N SER A 119 19.91 30.27 6.05
CA SER A 119 20.63 31.27 5.28
C SER A 119 20.50 31.10 3.78
N ASN A 120 20.63 29.87 3.32
CA ASN A 120 20.57 29.60 1.90
C ASN A 120 19.22 29.92 1.33
N ILE A 121 18.18 29.61 2.08
CA ILE A 121 16.83 29.95 1.67
C ILE A 121 16.54 31.44 1.61
N ALA A 122 17.00 32.18 2.59
CA ALA A 122 16.74 33.61 2.58
C ALA A 122 17.41 34.14 1.36
N LYS A 123 18.61 33.64 1.13
CA LYS A 123 19.38 34.10 -0.01
C LYS A 123 18.64 33.75 -1.27
N GLY A 124 18.06 32.57 -1.34
CA GLY A 124 17.34 32.18 -2.53
C GLY A 124 16.18 33.11 -2.73
N LYS A 125 15.45 33.39 -1.67
CA LYS A 125 14.22 34.16 -1.82
C LYS A 125 14.44 35.57 -2.32
N LYS A 126 15.40 36.27 -1.74
CA LYS A 126 15.71 37.62 -2.18
C LYS A 126 16.24 37.60 -3.60
N GLU A 127 17.11 36.64 -3.90
CA GLU A 127 17.64 36.45 -5.23
C GLU A 127 16.50 36.11 -6.16
N ASN A 128 15.41 35.61 -5.58
CA ASN A 128 14.25 35.20 -6.35
C ASN A 128 14.54 33.98 -7.17
N LYS A 129 15.48 33.19 -6.68
CA LYS A 129 15.78 31.92 -7.30
C LYS A 129 15.76 30.84 -6.23
N LEU A 130 14.59 30.61 -5.67
CA LEU A 130 14.34 29.48 -4.80
C LEU A 130 13.08 28.81 -5.27
N LYS A 131 13.16 27.53 -5.60
CA LYS A 131 11.98 26.82 -6.06
C LYS A 131 11.70 25.65 -5.14
N ASP A 132 10.47 25.57 -4.66
CA ASP A 132 10.12 24.45 -3.78
C ASP A 132 10.88 24.49 -2.47
N ASN A 133 11.19 25.69 -2.02
CA ASN A 133 11.89 25.90 -0.75
C ASN A 133 13.34 25.46 -0.78
N ILE A 134 13.88 25.27 -1.98
CA ILE A 134 15.28 24.94 -2.15
C ILE A 134 15.88 26.02 -3.05
N TYR A 135 17.03 26.53 -2.66
CA TYR A 135 17.74 27.54 -3.45
C TYR A 135 18.40 26.91 -4.66
N GLN A 136 18.20 27.50 -5.84
CA GLN A 136 18.78 26.98 -7.07
C GLN A 136 20.15 27.58 -7.34
N LYS A 137 21.11 26.77 -7.76
CA LYS A 137 22.46 27.31 -7.81
C LYS A 137 23.02 27.37 -9.22
N LEU A 138 23.54 28.55 -9.54
CA LEU A 138 24.05 28.85 -10.87
C LEU A 138 25.33 28.09 -11.23
N GLN A 139 25.42 27.69 -12.48
CA GLN A 139 26.59 26.95 -12.95
C GLN A 139 27.14 27.58 -14.23
N LEU B 17 25.61 13.09 -24.28
CA LEU B 17 26.24 14.40 -24.14
C LEU B 17 26.24 14.78 -22.68
N LEU B 18 27.39 15.18 -22.16
CA LEU B 18 27.52 15.47 -20.75
C LEU B 18 26.62 16.62 -20.39
N GLN B 19 26.60 17.63 -21.24
CA GLN B 19 25.82 18.80 -20.95
C GLN B 19 24.36 18.43 -20.89
N ASP B 20 23.94 17.58 -21.81
CA ASP B 20 22.57 17.11 -21.84
C ASP B 20 22.26 16.31 -20.60
N ILE B 21 23.15 15.38 -20.24
CA ILE B 21 22.96 14.57 -19.05
C ILE B 21 23.03 15.38 -17.78
N GLU B 22 23.98 16.30 -17.70
CA GLU B 22 24.14 17.09 -16.50
C GLU B 22 22.86 17.85 -16.33
N LYS B 23 22.32 18.33 -17.43
CA LYS B 23 21.11 19.14 -17.41
C LYS B 23 19.90 18.40 -16.89
N ARG B 24 19.74 17.16 -17.28
CA ARG B 24 18.59 16.40 -16.86
C ARG B 24 18.56 16.14 -15.36
N ILE B 25 19.72 15.87 -14.79
CA ILE B 25 19.83 15.45 -13.40
C ILE B 25 19.31 16.51 -12.44
N LEU B 26 19.65 17.77 -12.71
CA LEU B 26 19.13 18.89 -11.94
C LEU B 26 17.63 19.02 -12.10
N HIS B 27 17.14 18.82 -13.32
CA HIS B 27 15.72 18.91 -13.53
C HIS B 27 15.09 17.82 -12.74
N TYR B 28 15.69 16.64 -12.73
CA TYR B 28 15.08 15.55 -12.00
C TYR B 28 15.04 15.75 -10.50
N LYS B 29 16.15 16.08 -9.87
CA LYS B 29 16.14 16.31 -8.43
C LYS B 29 15.04 17.29 -8.02
N GLN B 30 14.69 18.21 -8.92
CA GLN B 30 13.73 19.23 -8.55
C GLN B 30 12.38 18.61 -8.26
N LEU B 31 11.97 17.63 -9.06
CA LEU B 31 10.70 16.97 -8.84
C LEU B 31 10.64 16.40 -7.44
N PHE B 32 11.69 15.67 -7.12
CA PHE B 32 11.79 14.95 -5.86
C PHE B 32 11.76 15.95 -4.77
N PHE B 33 12.43 17.08 -5.00
CA PHE B 33 12.46 18.14 -4.03
C PHE B 33 11.05 18.67 -3.86
N LYS B 34 10.33 18.80 -4.96
CA LYS B 34 8.94 19.22 -4.91
C LYS B 34 8.00 18.23 -4.26
N GLU B 35 8.12 16.95 -4.60
CA GLU B 35 7.19 15.97 -4.06
C GLU B 35 7.31 15.83 -2.57
N GLN B 36 8.53 15.81 -2.07
CA GLN B 36 8.75 15.68 -0.65
C GLN B 36 8.17 16.89 0.05
N ASN B 37 8.29 18.04 -0.59
CA ASN B 37 7.70 19.27 -0.07
C ASN B 37 6.18 19.23 -0.02
N GLU B 38 5.56 18.70 -1.05
CA GLU B 38 4.11 18.60 -1.09
C GLU B 38 3.62 17.68 0.01
N ILE B 39 4.35 16.60 0.23
CA ILE B 39 4.02 15.63 1.25
C ILE B 39 4.08 16.30 2.60
N ALA B 40 5.06 17.16 2.77
CA ALA B 40 5.26 17.86 4.01
C ALA B 40 4.01 18.66 4.27
N ASN B 41 3.42 19.16 3.20
CA ASN B 41 2.26 20.02 3.28
C ASN B 41 0.94 19.27 3.35
N GLY B 42 0.98 17.94 3.34
CA GLY B 42 -0.25 17.18 3.46
C GLY B 42 -0.83 16.58 2.20
N LYS B 43 -0.03 16.47 1.16
CA LYS B 43 -0.52 15.90 -0.08
C LYS B 43 -1.06 14.51 0.22
N ARG B 44 -2.24 14.23 -0.30
CA ARG B 44 -3.00 13.02 0.00
C ARG B 44 -2.45 11.75 -0.62
N SER B 45 -2.74 10.61 -0.02
CA SER B 45 -2.41 9.36 -0.64
C SER B 45 -3.52 9.01 -1.59
N MET B 46 -3.25 8.18 -2.57
CA MET B 46 -4.32 7.76 -3.43
C MET B 46 -5.33 7.01 -2.56
N VAL B 47 -4.80 6.25 -1.61
CA VAL B 47 -5.63 5.38 -0.80
C VAL B 47 -6.77 6.13 -0.13
N PRO B 48 -8.01 5.48 -0.14
CA PRO B 48 -9.05 6.21 0.62
C PRO B 48 -8.76 6.17 2.10
N ASP B 49 -9.19 7.20 2.81
CA ASP B 49 -8.87 7.38 4.21
C ASP B 49 -9.39 6.31 5.14
N ASN B 50 -10.52 5.73 4.78
CA ASN B 50 -11.18 4.75 5.63
C ASN B 50 -10.65 3.33 5.55
N SER B 51 -9.77 3.06 4.59
CA SER B 51 -9.19 1.73 4.46
C SER B 51 -8.23 1.42 5.57
N ILE B 52 -8.02 0.14 5.84
CA ILE B 52 -7.24 -0.27 7.01
C ILE B 52 -6.15 -1.25 6.60
N PRO B 53 -5.12 -0.68 5.83
CA PRO B 53 -4.10 -1.67 5.40
C PRO B 53 -3.31 -2.27 6.54
N ILE B 54 -2.95 -3.54 6.42
CA ILE B 54 -2.07 -4.21 7.36
C ILE B 54 -1.02 -5.01 6.59
N CYS B 55 0.24 -4.92 6.98
CA CYS B 55 1.27 -5.67 6.27
C CYS B 55 1.76 -6.80 7.12
N SER B 56 1.61 -8.00 6.58
CA SER B 56 2.02 -9.20 7.26
C SER B 56 2.08 -10.28 6.23
N ASP B 57 2.59 -11.43 6.63
CA ASP B 57 2.38 -12.63 5.85
C ASP B 57 1.40 -13.43 6.65
N VAL B 58 0.42 -14.01 5.99
CA VAL B 58 -0.66 -14.70 6.68
C VAL B 58 -0.10 -15.85 7.48
N THR B 59 0.90 -16.53 6.93
CA THR B 59 1.46 -17.66 7.61
C THR B 59 1.97 -17.17 8.94
N LYS B 60 2.66 -16.05 8.90
CA LYS B 60 3.14 -15.38 10.10
C LYS B 60 2.00 -14.87 10.96
N LEU B 61 0.94 -14.39 10.31
CA LEU B 61 -0.12 -13.70 11.01
C LEU B 61 -0.85 -14.53 12.04
N ASN B 62 -1.16 -13.92 13.17
CA ASN B 62 -2.03 -14.51 14.17
C ASN B 62 -3.33 -13.77 13.94
N PHE B 63 -4.39 -14.51 13.69
CA PHE B 63 -5.64 -13.89 13.32
C PHE B 63 -6.46 -13.56 14.55
N GLN B 64 -5.95 -13.98 15.71
CA GLN B 64 -6.60 -13.68 16.96
C GLN B 64 -6.62 -12.19 17.19
N ALA B 65 -5.52 -11.54 16.87
CA ALA B 65 -5.38 -10.12 17.08
C ALA B 65 -6.38 -9.38 16.23
N LEU B 66 -6.53 -9.81 14.99
CA LEU B 66 -7.50 -9.23 14.10
C LEU B 66 -8.92 -9.45 14.57
N ILE B 67 -9.20 -10.65 15.05
CA ILE B 67 -10.53 -10.94 15.59
C ILE B 67 -10.84 -10.18 16.85
N ASP B 68 -9.85 -10.05 17.72
CA ASP B 68 -10.09 -9.37 18.99
C ASP B 68 -10.47 -7.94 18.70
N ALA B 69 -9.72 -7.31 17.82
CA ALA B 69 -9.91 -5.91 17.53
C ALA B 69 -11.22 -5.72 16.80
N GLN B 70 -11.52 -6.59 15.86
CA GLN B 70 -12.74 -6.42 15.08
C GLN B 70 -13.96 -6.57 15.96
N MET B 71 -13.94 -7.56 16.83
CA MET B 71 -15.06 -7.73 17.72
C MET B 71 -15.14 -6.53 18.62
N ARG B 72 -13.98 -6.05 19.04
CA ARG B 72 -13.90 -4.92 19.95
C ARG B 72 -14.45 -3.63 19.40
N HIS B 73 -14.16 -3.31 18.15
CA HIS B 73 -14.60 -2.05 17.60
C HIS B 73 -15.86 -2.15 16.76
N ALA B 74 -16.30 -3.36 16.47
CA ALA B 74 -17.55 -3.55 15.76
C ALA B 74 -18.54 -4.45 16.49
N GLY B 75 -18.05 -5.30 17.38
CA GLY B 75 -18.91 -6.28 18.03
C GLY B 75 -19.61 -7.14 17.00
N LYS B 76 -18.87 -7.45 15.94
CA LYS B 76 -19.40 -8.05 14.73
C LYS B 76 -18.33 -8.85 14.05
N MET B 77 -18.64 -9.43 12.91
CA MET B 77 -17.67 -10.21 12.16
C MET B 77 -17.92 -10.04 10.69
N PHE B 78 -16.90 -10.28 9.89
CA PHE B 78 -16.88 -9.80 8.53
C PHE B 78 -18.05 -10.26 7.68
N ASP B 79 -18.68 -9.29 7.03
CA ASP B 79 -19.72 -9.52 6.06
C ASP B 79 -19.21 -10.22 4.81
N VAL B 80 -18.01 -9.86 4.38
CA VAL B 80 -17.45 -10.42 3.15
C VAL B 80 -15.98 -10.68 3.35
N ILE B 81 -15.44 -11.62 2.60
CA ILE B 81 -14.01 -11.90 2.56
C ILE B 81 -13.61 -12.05 1.10
N MET B 82 -12.40 -11.64 0.74
CA MET B 82 -11.95 -11.80 -0.63
C MET B 82 -10.57 -12.42 -0.71
N MET B 83 -10.29 -13.12 -1.78
CA MET B 83 -9.01 -13.80 -1.89
C MET B 83 -8.55 -13.88 -3.33
N ASP B 84 -7.25 -13.78 -3.50
CA ASP B 84 -6.57 -14.10 -4.72
C ASP B 84 -5.34 -14.87 -4.28
N PRO B 85 -5.53 -16.20 -3.90
CA PRO B 85 -4.39 -16.77 -3.19
C PRO B 85 -3.18 -16.76 -4.07
N PRO B 86 -1.93 -16.61 -3.45
CA PRO B 86 -0.82 -16.61 -4.40
C PRO B 86 -0.46 -18.03 -4.66
N TRP B 87 -1.18 -18.64 -5.58
CA TRP B 87 -1.09 -20.06 -5.80
C TRP B 87 0.29 -20.39 -6.28
N GLN B 88 0.81 -21.51 -5.81
CA GLN B 88 2.10 -21.99 -6.25
C GLN B 88 1.99 -22.35 -7.71
N LEU B 89 3.08 -22.19 -8.44
CA LEU B 89 3.13 -22.60 -9.84
C LEU B 89 3.90 -23.90 -9.97
N SER B 104 3.39 -17.69 -4.23
CA SER B 104 3.59 -19.11 -4.29
C SER B 104 3.40 -19.83 -2.94
N LEU B 105 2.41 -19.46 -2.14
CA LEU B 105 2.23 -20.10 -0.82
C LEU B 105 1.90 -21.59 -0.96
N SER B 106 2.40 -22.43 -0.06
CA SER B 106 2.08 -23.83 -0.16
C SER B 106 0.59 -23.95 -0.31
N ASP B 107 0.13 -24.87 -1.13
CA ASP B 107 -1.30 -25.02 -1.33
C ASP B 107 -1.91 -25.37 0.00
N GLU B 108 -1.20 -26.17 0.78
CA GLU B 108 -1.67 -26.58 2.09
C GLU B 108 -1.84 -25.39 3.01
N LYS B 109 -0.94 -24.42 2.93
CA LYS B 109 -0.98 -23.28 3.85
C LYS B 109 -2.22 -22.45 3.72
N ILE B 110 -2.64 -22.17 2.50
CA ILE B 110 -3.84 -21.41 2.29
C ILE B 110 -5.03 -22.18 2.82
N GLN B 111 -5.07 -23.46 2.57
CA GLN B 111 -6.21 -24.25 2.98
C GLN B 111 -6.30 -24.17 4.48
N ASN B 112 -5.15 -24.18 5.13
CA ASN B 112 -5.07 -24.22 6.58
C ASN B 112 -5.21 -22.88 7.28
N MET B 113 -5.46 -21.80 6.56
CA MET B 113 -5.60 -20.47 7.16
C MET B 113 -6.81 -20.51 8.04
N PRO B 114 -6.85 -19.82 9.17
CA PRO B 114 -8.06 -20.01 9.96
C PRO B 114 -9.15 -19.08 9.50
N ILE B 115 -9.67 -19.32 8.30
CA ILE B 115 -10.77 -18.51 7.79
C ILE B 115 -12.05 -18.66 8.57
N GLN B 116 -12.35 -19.86 9.05
CA GLN B 116 -13.64 -20.09 9.67
C GLN B 116 -13.86 -19.19 10.87
N SER B 117 -12.81 -18.95 11.64
CA SER B 117 -12.87 -18.03 12.77
C SER B 117 -13.17 -16.61 12.33
N LEU B 118 -12.65 -16.23 11.18
CA LEU B 118 -12.74 -14.85 10.69
C LEU B 118 -14.15 -14.36 10.43
N GLN B 119 -15.03 -15.19 9.90
CA GLN B 119 -16.41 -14.79 9.73
C GLN B 119 -17.42 -15.88 10.08
N GLN B 120 -18.57 -15.46 10.61
CA GLN B 120 -19.59 -16.40 11.06
C GLN B 120 -20.88 -16.43 10.24
N ASP B 121 -21.34 -15.27 9.77
CA ASP B 121 -22.55 -15.18 8.93
C ASP B 121 -22.39 -14.33 7.68
N GLY B 122 -21.73 -14.86 6.67
CA GLY B 122 -21.46 -14.03 5.50
C GLY B 122 -21.03 -14.73 4.22
N PHE B 123 -20.86 -13.94 3.16
CA PHE B 123 -20.25 -14.40 1.93
C PHE B 123 -18.71 -14.44 1.92
N ILE B 124 -18.17 -15.16 0.96
CA ILE B 124 -16.73 -15.24 0.67
C ILE B 124 -16.51 -15.21 -0.84
N PHE B 125 -15.51 -14.48 -1.32
CA PHE B 125 -15.12 -14.47 -2.70
C PHE B 125 -13.71 -14.97 -2.83
N VAL B 126 -13.41 -15.61 -3.95
CA VAL B 126 -12.11 -16.23 -4.13
C VAL B 126 -11.88 -16.41 -5.61
N TRP B 127 -10.68 -16.07 -6.05
CA TRP B 127 -10.43 -16.02 -7.47
C TRP B 127 -9.67 -17.26 -7.81
N ALA B 128 -10.22 -18.05 -8.72
CA ALA B 128 -9.62 -19.30 -9.05
C ALA B 128 -9.11 -19.27 -10.46
N ILE B 129 -7.81 -19.49 -10.59
CA ILE B 129 -7.24 -19.65 -11.90
C ILE B 129 -7.73 -21.01 -12.32
N ASN B 130 -7.76 -21.27 -13.61
CA ASN B 130 -8.37 -22.48 -14.10
C ASN B 130 -7.67 -23.72 -13.57
N ALA B 131 -6.40 -23.57 -13.24
CA ALA B 131 -5.63 -24.63 -12.62
C ALA B 131 -6.16 -25.03 -11.26
N LYS B 132 -6.65 -24.07 -10.50
CA LYS B 132 -6.98 -24.35 -9.12
C LYS B 132 -8.48 -24.42 -8.92
N TYR B 133 -9.25 -24.31 -9.98
CA TYR B 133 -10.68 -24.09 -9.87
C TYR B 133 -11.33 -25.15 -9.02
N ARG B 134 -11.12 -26.42 -9.34
CA ARG B 134 -11.70 -27.44 -8.48
C ARG B 134 -11.17 -27.32 -7.07
N VAL B 135 -9.85 -27.29 -6.91
CA VAL B 135 -9.25 -27.29 -5.59
C VAL B 135 -9.85 -26.20 -4.73
N THR B 136 -9.98 -25.00 -5.31
CA THR B 136 -10.63 -23.88 -4.64
C THR B 136 -11.99 -24.23 -4.09
N ILE B 137 -12.83 -24.87 -4.91
CA ILE B 137 -14.14 -25.36 -4.53
C ILE B 137 -14.04 -26.17 -3.28
N LYS B 138 -13.13 -27.12 -3.26
CA LYS B 138 -12.98 -28.03 -2.16
C LYS B 138 -12.58 -27.25 -0.94
N MET B 139 -11.86 -26.16 -1.20
CA MET B 139 -11.33 -25.27 -0.17
C MET B 139 -12.37 -24.49 0.61
N ILE B 140 -13.30 -23.86 -0.09
CA ILE B 140 -14.37 -23.12 0.55
C ILE B 140 -15.34 -24.02 1.28
N GLU B 141 -15.61 -25.18 0.70
CA GLU B 141 -16.48 -26.16 1.31
C GLU B 141 -15.88 -26.62 2.61
N ASN B 142 -14.56 -26.69 2.61
CA ASN B 142 -13.76 -27.11 3.74
C ASN B 142 -13.94 -26.17 4.89
N TRP B 143 -14.03 -24.89 4.57
CA TRP B 143 -14.16 -23.82 5.53
C TRP B 143 -15.61 -23.61 5.88
N GLY B 144 -16.48 -24.47 5.35
CA GLY B 144 -17.88 -24.48 5.69
C GLY B 144 -18.82 -23.72 4.82
N TYR B 145 -18.31 -23.20 3.72
CA TYR B 145 -19.14 -22.48 2.77
C TYR B 145 -19.96 -23.35 1.81
N LYS B 146 -21.03 -22.79 1.28
CA LYS B 146 -21.87 -23.45 0.31
C LYS B 146 -21.72 -22.67 -0.98
N LEU B 147 -21.34 -23.34 -2.05
CA LEU B 147 -21.07 -22.64 -3.29
C LEU B 147 -22.40 -22.25 -3.81
N VAL B 148 -22.61 -20.96 -4.07
CA VAL B 148 -23.87 -20.54 -4.64
C VAL B 148 -23.78 -19.80 -5.96
N ASP B 149 -22.67 -19.11 -6.20
CA ASP B 149 -22.55 -18.33 -7.42
C ASP B 149 -21.11 -18.20 -7.89
N GLU B 150 -20.92 -17.95 -9.17
CA GLU B 150 -19.61 -17.67 -9.72
C GLU B 150 -19.67 -16.42 -10.55
N ILE B 151 -18.78 -15.48 -10.28
CA ILE B 151 -18.67 -14.28 -11.09
C ILE B 151 -17.75 -14.54 -12.27
N THR B 152 -18.07 -14.00 -13.41
CA THR B 152 -17.18 -14.22 -14.53
C THR B 152 -16.60 -12.88 -14.95
N TRP B 153 -15.30 -12.85 -15.25
CA TRP B 153 -14.61 -11.65 -15.67
C TRP B 153 -14.00 -11.82 -17.03
N VAL B 154 -14.45 -11.02 -17.97
CA VAL B 154 -13.96 -11.08 -19.33
C VAL B 154 -12.98 -9.96 -19.59
N LYS B 155 -12.05 -10.18 -20.50
CA LYS B 155 -11.09 -9.14 -20.75
C LYS B 155 -11.38 -8.56 -22.12
N LYS B 156 -11.57 -7.25 -22.16
CA LYS B 156 -12.05 -6.60 -23.36
C LYS B 156 -10.93 -5.83 -24.05
N THR B 157 -10.77 -6.07 -25.35
CA THR B 157 -9.70 -5.44 -26.10
C THR B 157 -9.84 -3.93 -26.11
N VAL B 158 -11.06 -3.45 -26.26
CA VAL B 158 -11.29 -2.02 -26.28
C VAL B 158 -10.49 -1.39 -27.40
N LYS B 161 -13.32 -6.79 -27.47
CA LYS B 161 -14.07 -7.49 -26.44
C LYS B 161 -13.58 -8.90 -26.09
N ILE B 162 -12.34 -9.22 -26.43
CA ILE B 162 -11.87 -10.61 -26.31
C ILE B 162 -10.57 -10.79 -25.56
N ALA B 163 -10.39 -11.98 -25.00
CA ALA B 163 -9.16 -12.31 -24.31
C ALA B 163 -8.44 -13.48 -24.94
N LYS B 164 -7.14 -13.34 -25.11
CA LYS B 164 -6.32 -14.42 -25.62
C LYS B 164 -5.57 -15.09 -24.48
N GLY B 165 -5.95 -16.31 -24.14
CA GLY B 165 -5.28 -17.02 -23.08
C GLY B 165 -4.85 -18.37 -23.59
N HIS B 166 -3.67 -18.82 -23.19
CA HIS B 166 -3.15 -20.07 -23.70
C HIS B 166 -3.72 -21.22 -22.91
N GLY B 167 -5.01 -21.48 -23.13
CA GLY B 167 -5.71 -22.53 -22.42
C GLY B 167 -5.22 -23.90 -22.74
N PHE B 168 -5.15 -24.77 -21.74
CA PHE B 168 -4.67 -26.13 -21.95
C PHE B 168 -5.55 -26.92 -22.90
N TYR B 169 -6.87 -26.82 -22.71
CA TYR B 169 -7.85 -27.51 -23.55
C TYR B 169 -8.79 -26.58 -24.35
N LEU B 170 -9.05 -25.41 -23.80
CA LEU B 170 -9.80 -24.33 -24.41
C LEU B 170 -9.14 -23.04 -24.01
N GLN B 171 -8.91 -22.16 -24.96
CA GLN B 171 -8.29 -20.91 -24.63
C GLN B 171 -9.19 -20.21 -23.64
N HIS B 172 -8.58 -19.46 -22.73
CA HIS B 172 -9.34 -18.81 -21.69
C HIS B 172 -9.47 -17.34 -21.99
N ALA B 173 -10.70 -16.88 -21.96
CA ALA B 173 -11.02 -15.46 -22.03
C ALA B 173 -11.73 -14.98 -20.77
N LYS B 174 -11.50 -15.64 -19.63
CA LYS B 174 -11.93 -15.07 -18.38
C LYS B 174 -11.23 -15.78 -17.24
N GLU B 175 -11.20 -15.14 -16.07
CA GLU B 175 -11.11 -15.88 -14.83
C GLU B 175 -12.32 -15.56 -14.03
N SER B 176 -12.46 -16.23 -12.91
CA SER B 176 -13.76 -16.27 -12.27
C SER B 176 -13.62 -16.29 -10.75
N CYS B 177 -14.56 -15.61 -10.10
CA CYS B 177 -14.64 -15.50 -8.66
C CYS B 177 -15.70 -16.45 -8.15
N LEU B 178 -15.31 -17.29 -7.20
CA LEU B 178 -16.18 -18.30 -6.65
C LEU B 178 -16.68 -17.80 -5.32
N ILE B 179 -18.00 -17.83 -5.16
CA ILE B 179 -18.64 -17.25 -4.01
C ILE B 179 -19.36 -18.29 -3.17
N GLY B 180 -19.14 -18.23 -1.88
CA GLY B 180 -19.70 -19.19 -0.95
C GLY B 180 -20.36 -18.48 0.19
N VAL B 181 -21.31 -19.12 0.85
CA VAL B 181 -22.02 -18.48 1.92
C VAL B 181 -22.16 -19.36 3.14
N LYS B 182 -22.22 -18.74 4.31
CA LYS B 182 -22.59 -19.44 5.52
C LYS B 182 -23.49 -18.56 6.36
N GLY B 183 -24.36 -19.17 7.15
CA GLY B 183 -25.24 -18.41 8.03
C GLY B 183 -26.44 -17.79 7.37
N ASP B 184 -27.06 -16.86 8.08
CA ASP B 184 -28.21 -16.12 7.63
C ASP B 184 -27.79 -14.90 6.87
N VAL B 185 -28.20 -14.88 5.62
CA VAL B 185 -28.21 -13.68 4.82
C VAL B 185 -29.65 -13.25 4.62
N ASP B 186 -30.59 -13.84 5.33
CA ASP B 186 -31.99 -13.43 5.19
C ASP B 186 -32.17 -12.08 5.86
N ASN B 187 -31.04 -11.65 6.41
CA ASN B 187 -30.88 -10.42 7.14
C ASN B 187 -31.02 -9.24 6.21
N GLY B 188 -31.29 -8.09 6.79
CA GLY B 188 -31.43 -6.88 6.02
C GLY B 188 -30.16 -6.52 5.27
N ARG B 189 -29.01 -6.76 5.88
CA ARG B 189 -27.77 -6.20 5.35
C ARG B 189 -27.44 -6.64 3.94
N PHE B 190 -27.62 -7.92 3.63
CA PHE B 190 -27.29 -8.39 2.30
C PHE B 190 -28.51 -8.26 1.43
N LYS B 191 -28.34 -7.70 0.24
CA LYS B 191 -29.46 -7.53 -0.66
C LYS B 191 -29.39 -8.49 -1.84
N LYS B 192 -30.39 -9.35 -1.95
CA LYS B 192 -30.47 -10.35 -3.00
C LYS B 192 -30.82 -9.74 -4.36
N ASN B 193 -30.32 -10.35 -5.41
CA ASN B 193 -30.57 -9.86 -6.76
C ASN B 193 -30.09 -8.44 -6.99
N ILE B 194 -28.94 -8.10 -6.44
CA ILE B 194 -28.39 -6.77 -6.66
C ILE B 194 -27.17 -6.69 -7.57
N ALA B 195 -26.71 -7.82 -8.09
CA ALA B 195 -25.47 -7.82 -8.85
C ALA B 195 -25.50 -8.79 -10.00
N SER B 196 -24.60 -8.61 -10.95
CA SER B 196 -24.57 -9.47 -12.12
C SER B 196 -23.37 -10.39 -12.10
N ASP B 197 -23.60 -11.67 -12.38
CA ASP B 197 -22.53 -12.66 -12.48
C ASP B 197 -21.37 -12.23 -13.37
N VAL B 198 -21.69 -11.65 -14.52
CA VAL B 198 -20.67 -11.20 -15.46
C VAL B 198 -20.11 -9.81 -15.18
N ILE B 199 -18.80 -9.64 -15.37
CA ILE B 199 -18.13 -8.35 -15.28
C ILE B 199 -17.27 -8.09 -16.51
N PHE B 200 -17.16 -6.81 -16.85
CA PHE B 200 -16.81 -6.32 -18.19
C PHE B 200 -15.49 -5.55 -18.40
N SER B 201 -14.74 -5.28 -17.34
CA SER B 201 -13.62 -4.33 -17.39
C SER B 201 -12.29 -4.75 -18.06
N GLU B 202 -11.49 -3.73 -18.41
CA GLU B 202 -10.11 -3.87 -18.91
C GLU B 202 -9.11 -4.25 -17.82
N ARG B 203 -8.03 -4.89 -18.24
CA ARG B 203 -7.05 -5.43 -17.32
C ARG B 203 -5.92 -4.46 -17.13
N ARG B 204 -5.66 -4.11 -15.88
CA ARG B 204 -4.61 -3.16 -15.59
C ARG B 204 -3.55 -3.78 -14.71
N GLY B 205 -2.31 -3.79 -15.17
CA GLY B 205 -1.22 -4.23 -14.33
C GLY B 205 -1.50 -5.59 -13.73
N GLN B 206 -1.90 -6.53 -14.54
CA GLN B 206 -2.35 -7.81 -14.01
C GLN B 206 -1.23 -8.47 -13.21
N SER B 207 -1.58 -9.14 -12.11
CA SER B 207 -2.96 -9.50 -11.82
C SER B 207 -3.63 -8.44 -11.01
N GLN B 208 -4.48 -7.64 -11.65
CA GLN B 208 -5.27 -6.66 -10.94
C GLN B 208 -6.71 -6.82 -11.34
N LYS B 209 -7.56 -7.03 -10.35
CA LYS B 209 -8.97 -7.33 -10.57
C LYS B 209 -9.80 -6.11 -10.92
N PRO B 210 -10.92 -6.32 -11.59
CA PRO B 210 -11.81 -5.22 -11.94
C PRO B 210 -12.28 -4.43 -10.72
N GLU B 211 -12.26 -3.12 -10.89
CA GLU B 211 -12.83 -2.22 -9.89
C GLU B 211 -14.22 -2.66 -9.47
N GLU B 212 -15.02 -3.02 -10.45
CA GLU B 212 -16.47 -3.08 -10.30
C GLU B 212 -16.90 -4.15 -9.31
N ILE B 213 -15.95 -4.99 -8.91
CA ILE B 213 -16.21 -6.02 -7.91
C ILE B 213 -16.58 -5.38 -6.59
N TYR B 214 -15.90 -4.30 -6.25
CA TYR B 214 -16.20 -3.60 -5.02
C TYR B 214 -17.55 -2.93 -5.11
N GLN B 215 -17.91 -2.41 -6.28
CA GLN B 215 -19.29 -2.01 -6.47
C GLN B 215 -20.20 -3.20 -6.26
N TYR B 216 -19.98 -4.28 -7.00
CA TYR B 216 -20.89 -5.39 -6.85
C TYR B 216 -20.96 -5.75 -5.38
N ILE B 217 -19.85 -5.68 -4.66
CA ILE B 217 -19.98 -5.97 -3.23
C ILE B 217 -20.85 -4.93 -2.51
N ASN B 218 -20.94 -3.73 -3.05
CA ASN B 218 -21.84 -2.78 -2.44
C ASN B 218 -23.30 -3.17 -2.58
N GLN B 219 -23.70 -3.61 -3.77
CA GLN B 219 -25.02 -4.20 -3.91
C GLN B 219 -25.31 -5.26 -2.84
N LEU B 220 -24.39 -6.20 -2.69
CA LEU B 220 -24.67 -7.36 -1.87
C LEU B 220 -24.73 -6.94 -0.44
N CYS B 221 -23.73 -6.20 -0.01
CA CYS B 221 -23.71 -5.67 1.32
C CYS B 221 -23.59 -4.19 1.17
N PRO B 222 -24.47 -3.45 1.82
CA PRO B 222 -24.39 -2.03 1.74
C PRO B 222 -23.73 -1.55 2.99
N ASN B 223 -22.58 -0.90 2.86
CA ASN B 223 -21.94 -0.31 4.02
C ASN B 223 -21.75 -1.28 5.17
N GLY B 224 -21.14 -2.42 4.91
CA GLY B 224 -20.89 -3.40 5.95
C GLY B 224 -19.44 -3.83 5.95
N ASN B 225 -18.96 -4.32 7.10
CA ASN B 225 -17.57 -4.68 7.24
C ASN B 225 -17.19 -5.67 6.18
N TYR B 226 -15.99 -5.48 5.61
CA TYR B 226 -15.45 -6.38 4.61
C TYR B 226 -14.01 -6.66 4.97
N LEU B 227 -13.44 -7.68 4.35
CA LEU B 227 -12.06 -8.04 4.58
C LEU B 227 -11.44 -8.29 3.25
N GLU B 228 -10.13 -8.45 3.20
CA GLU B 228 -9.55 -8.98 1.99
C GLU B 228 -8.21 -9.56 2.34
N ILE B 229 -7.83 -10.63 1.69
CA ILE B 229 -6.57 -11.29 2.02
C ILE B 229 -5.71 -11.34 0.78
N PHE B 230 -4.40 -11.32 0.98
CA PHE B 230 -3.43 -11.30 -0.11
C PHE B 230 -3.50 -10.03 -0.91
N ALA B 231 -3.71 -8.90 -0.25
CA ALA B 231 -4.14 -7.68 -0.94
C ALA B 231 -3.04 -6.79 -1.44
N ARG B 232 -3.22 -6.16 -2.58
CA ARG B 232 -2.09 -5.44 -3.04
C ARG B 232 -2.47 -4.07 -2.75
N ARG B 233 -1.56 -3.14 -2.96
CA ARG B 233 -1.69 -1.75 -2.55
C ARG B 233 -2.77 -1.03 -3.32
N ASN B 234 -2.86 -1.32 -4.60
CA ASN B 234 -3.77 -0.64 -5.50
C ASN B 234 -5.24 -0.81 -5.18
N ASN B 235 -5.59 -1.96 -4.64
CA ASN B 235 -6.98 -2.33 -4.46
C ASN B 235 -7.65 -1.96 -3.12
N LEU B 236 -6.97 -1.21 -2.27
CA LEU B 236 -7.51 -0.78 -0.99
C LEU B 236 -8.71 0.13 -1.17
N HIS B 237 -9.72 -0.05 -0.34
CA HIS B 237 -10.94 0.75 -0.40
C HIS B 237 -11.47 1.04 0.99
N ASP B 238 -12.32 2.06 1.11
CA ASP B 238 -12.86 2.44 2.40
C ASP B 238 -13.69 1.35 3.03
N ASN B 239 -13.54 1.20 4.34
CA ASN B 239 -14.33 0.25 5.11
C ASN B 239 -13.77 -1.15 4.96
N TRP B 240 -12.70 -1.27 4.19
CA TRP B 240 -12.17 -2.57 3.87
C TRP B 240 -10.89 -2.76 4.63
N VAL B 241 -10.84 -3.80 5.46
CA VAL B 241 -9.60 -4.22 6.02
C VAL B 241 -8.83 -4.84 4.88
N SER B 242 -7.51 -4.75 4.93
CA SER B 242 -6.70 -5.43 3.92
C SER B 242 -5.37 -5.98 4.44
N ILE B 243 -5.06 -7.22 4.12
CA ILE B 243 -3.80 -7.80 4.56
C ILE B 243 -3.02 -8.35 3.37
N GLY B 244 -1.78 -7.93 3.24
CA GLY B 244 -0.93 -8.42 2.19
C GLY B 244 0.46 -8.13 2.68
N ASN B 245 1.47 -8.77 2.10
CA ASN B 245 2.82 -8.50 2.54
C ASN B 245 3.48 -7.42 1.71
N GLU B 246 2.70 -6.90 0.77
CA GLU B 246 3.10 -5.84 -0.13
C GLU B 246 2.49 -4.51 0.28
N LEU B 247 1.87 -4.47 1.45
CA LEU B 247 1.28 -3.24 1.97
C LEU B 247 2.20 -2.66 3.02
N SAH C . -5.79 -8.98 -5.22
CA SAH C . -4.59 -8.45 -5.80
CB SAH C . -3.78 -9.59 -6.35
CG SAH C . -3.16 -10.32 -5.18
SD SAH C . -1.69 -11.06 -5.73
C SAH C . -5.09 -7.54 -6.86
O SAH C . -4.89 -7.80 -8.04
OXT SAH C . -5.72 -6.56 -6.46
C5' SAH C . -1.34 -12.15 -4.41
C4' SAH C . -0.93 -11.34 -3.20
O4' SAH C . -0.66 -12.18 -2.09
C3' SAH C . 0.35 -10.60 -3.48
O3' SAH C . 0.32 -9.34 -2.81
C2' SAH C . 1.38 -11.28 -2.67
O2' SAH C . 2.18 -10.23 -2.19
C1' SAH C . 0.57 -11.78 -1.52
N9 SAH C . 1.32 -12.87 -0.86
C8 SAH C . 2.20 -13.71 -1.43
N7 SAH C . 2.71 -14.56 -0.51
C5 SAH C . 2.16 -14.24 0.66
C6 SAH C . 2.25 -14.73 2.03
N6 SAH C . 3.06 -15.76 2.36
N1 SAH C . 1.51 -14.13 2.96
C2 SAH C . 0.70 -13.11 2.66
N3 SAH C . 0.56 -12.62 1.44
C4 SAH C . 1.25 -13.14 0.43
#